data_4C37
#
_entry.id   4C37
#
_cell.length_a   72.360
_cell.length_b   75.100
_cell.length_c   80.270
_cell.angle_alpha   90.00
_cell.angle_beta   90.00
_cell.angle_gamma   90.00
#
_symmetry.space_group_name_H-M   'P 21 21 21'
#
loop_
_entity.id
_entity.type
_entity.pdbx_description
1 polymer 'CAMP-DEPENDENT PROTEIN KINASE CATALYTIC SUBUNIT ALPHA'
2 polymer 'CAMP-DEPENDENT PROTEIN KINASE INHIBITOR ALPHA'
3 non-polymer 4-(6-bromo-1-ethyl-1H-imidazo[4,5-c]pyridin-2-yl)-1,2,5-oxadiazol-3-amine
4 non-polymer (4S)-2-METHYL-2,4-PENTANEDIOL
5 water water
#
loop_
_entity_poly.entity_id
_entity_poly.type
_entity_poly.pdbx_seq_one_letter_code
_entity_poly.pdbx_strand_id
1 'polypeptide(L)'
;MGNAAAAKKGSEQESVKEFLAKAKEDFLKKWENPAQNTAHLDQFERIKTLGTGSYGRVMLVKHMETGNHYAMKILDKQKV
VKLKQIEHTLNEKRILQAVNFPFLVKLEFSFKDNSNLYMVLEYLPGGEMFSHLRRIGRF(SEP)EPHARFYAAQIVLTFE
YLHSLDLIYRDLKPENLMIDQQGYIKVTDFGFAKRVKGRTW(TPO)LCGTPEYLAPEIILSKGYNKAVDWWALGVLIYEM
AAGYPPFFADQPIQIYEKIVSGKVRFPSHFSSDLKDLLRNLLQVDLTKRFGNLKNGVNDIKNHKWFATTDWIAIYQRKVE
APFIPKFKGPGDTSNFDDYEEEEIRV(SEP)INEKCGKEFSEF
;
A
2 'polypeptide(L)' TTYADFIASGRTGRRNAIHD I
#
loop_
_chem_comp.id
_chem_comp.type
_chem_comp.name
_chem_comp.formula
MPD non-polymer (4S)-2-METHYL-2,4-PENTANEDIOL 'C6 H14 O2'
Z21 non-polymer 4-(6-bromo-1-ethyl-1H-imidazo[4,5-c]pyridin-2-yl)-1,2,5-oxadiazol-3-amine 'C10 H9 Br N6 O'
#
# COMPACT_ATOMS: atom_id res chain seq x y z
N GLU A 14 -11.06 24.07 8.94
CA GLU A 14 -9.80 24.72 8.60
C GLU A 14 -9.40 24.47 7.12
N SER A 15 -8.39 25.23 6.61
CA SER A 15 -7.89 25.07 5.24
C SER A 15 -7.09 23.77 5.19
N VAL A 16 -6.85 23.26 3.97
CA VAL A 16 -6.07 22.06 3.76
C VAL A 16 -4.65 22.29 4.30
N LYS A 17 -4.07 23.49 4.02
CA LYS A 17 -2.75 23.90 4.49
C LYS A 17 -2.67 23.85 6.03
N GLU A 18 -3.71 24.39 6.71
CA GLU A 18 -3.79 24.39 8.18
C GLU A 18 -3.90 22.97 8.76
N PHE A 19 -4.79 22.12 8.18
CA PHE A 19 -4.95 20.72 8.60
C PHE A 19 -3.62 19.95 8.48
N LEU A 20 -2.92 20.13 7.35
CA LEU A 20 -1.64 19.46 7.10
C LEU A 20 -0.52 19.96 8.02
N ALA A 21 -0.54 21.25 8.40
CA ALA A 21 0.45 21.79 9.33
C ALA A 21 0.35 21.07 10.70
N LYS A 22 -0.89 20.91 11.23
CA LYS A 22 -1.16 20.22 12.51
C LYS A 22 -0.76 18.75 12.43
N ALA A 23 -1.08 18.11 11.28
CA ALA A 23 -0.74 16.71 11.02
C ALA A 23 0.79 16.57 11.06
N LYS A 24 1.52 17.57 10.52
CA LYS A 24 3.00 17.53 10.52
C LYS A 24 3.57 17.65 11.93
N GLU A 25 3.00 18.53 12.75
CA GLU A 25 3.43 18.73 14.14
C GLU A 25 3.29 17.41 14.93
N ASP A 26 2.12 16.72 14.81
CA ASP A 26 1.86 15.43 15.47
C ASP A 26 2.85 14.35 14.99
N PHE A 27 3.03 14.23 13.66
CA PHE A 27 3.92 13.24 13.07
C PHE A 27 5.37 13.44 13.56
N LEU A 28 5.88 14.70 13.49
CA LEU A 28 7.27 14.97 13.88
C LEU A 28 7.62 14.59 15.31
N LYS A 29 6.67 14.79 16.26
CA LYS A 29 6.90 14.42 17.66
C LYS A 29 7.14 12.89 17.74
N LYS A 30 6.35 12.10 17.01
CA LYS A 30 6.50 10.63 17.03
C LYS A 30 7.70 10.16 16.18
N TRP A 31 7.93 10.82 15.05
CA TRP A 31 9.06 10.53 14.15
C TRP A 31 10.39 10.73 14.92
N GLU A 32 10.47 11.80 15.73
CA GLU A 32 11.72 12.10 16.46
C GLU A 32 11.94 11.27 17.71
N ASN A 33 10.86 10.72 18.29
CA ASN A 33 10.96 9.91 19.52
C ASN A 33 10.06 8.68 19.36
N PRO A 34 10.50 7.70 18.54
CA PRO A 34 9.64 6.55 18.24
C PRO A 34 9.33 5.62 19.41
N ALA A 35 8.10 5.09 19.41
CA ALA A 35 7.65 4.09 20.38
C ALA A 35 8.43 2.81 20.08
N GLN A 36 8.87 2.12 21.14
CA GLN A 36 9.67 0.92 21.01
C GLN A 36 9.27 -0.09 22.07
N ASN A 37 9.26 -1.40 21.72
CA ASN A 37 9.03 -2.50 22.65
C ASN A 37 7.72 -2.34 23.46
N THR A 38 6.56 -2.28 22.75
CA THR A 38 5.25 -1.99 23.39
C THR A 38 4.40 -3.22 23.69
N ALA A 39 4.91 -4.42 23.37
CA ALA A 39 4.21 -5.69 23.67
C ALA A 39 5.21 -6.83 23.61
N HIS A 40 4.76 -8.07 23.79
CA HIS A 40 5.62 -9.23 23.75
C HIS A 40 4.86 -10.34 23.06
N LEU A 41 5.58 -11.24 22.36
CA LEU A 41 4.94 -12.34 21.64
C LEU A 41 3.99 -13.18 22.51
N ASP A 42 4.35 -13.41 23.78
N ASP A 42 4.36 -13.43 23.79
CA ASP A 42 3.59 -14.22 24.75
CA ASP A 42 3.54 -14.24 24.72
C ASP A 42 2.20 -13.62 25.10
C ASP A 42 2.16 -13.65 25.04
N GLN A 43 1.94 -12.37 24.64
CA GLN A 43 0.67 -11.66 24.87
C GLN A 43 -0.37 -11.95 23.77
N PHE A 44 0.03 -12.74 22.79
CA PHE A 44 -0.82 -13.05 21.64
C PHE A 44 -0.97 -14.52 21.40
N GLU A 45 -2.16 -14.92 20.93
CA GLU A 45 -2.48 -16.28 20.57
C GLU A 45 -2.42 -16.33 19.05
N ARG A 46 -1.65 -17.27 18.50
CA ARG A 46 -1.50 -17.46 17.05
C ARG A 46 -2.75 -18.15 16.50
N ILE A 47 -3.38 -17.54 15.47
CA ILE A 47 -4.58 -18.12 14.85
C ILE A 47 -4.33 -18.74 13.47
N LYS A 48 -3.87 -17.93 12.50
CA LYS A 48 -3.75 -18.39 11.11
C LYS A 48 -2.88 -17.42 10.34
N THR A 49 -2.20 -17.91 9.30
CA THR A 49 -1.37 -17.09 8.44
C THR A 49 -2.29 -16.41 7.42
N LEU A 50 -2.21 -15.09 7.31
CA LEU A 50 -3.04 -14.30 6.39
C LEU A 50 -2.33 -13.97 5.08
N GLY A 51 -1.01 -13.94 5.11
CA GLY A 51 -0.26 -13.63 3.91
C GLY A 51 1.22 -13.90 4.10
N THR A 52 1.94 -14.06 3.00
CA THR A 52 3.38 -14.30 3.02
C THR A 52 4.03 -13.55 1.86
N GLY A 53 5.35 -13.39 1.94
CA GLY A 53 6.15 -12.75 0.92
C GLY A 53 7.61 -12.76 1.33
N SER A 54 8.48 -12.11 0.51
CA SER A 54 9.91 -12.07 0.86
C SER A 54 10.08 -11.34 2.19
N TYR A 55 9.13 -10.44 2.55
CA TYR A 55 9.22 -9.70 3.82
C TYR A 55 9.07 -10.61 5.05
N GLY A 56 8.42 -11.77 4.88
CA GLY A 56 8.09 -12.65 5.99
C GLY A 56 6.64 -13.08 5.90
N ARG A 57 5.86 -12.84 6.97
CA ARG A 57 4.45 -13.25 6.93
C ARG A 57 3.58 -12.38 7.81
N VAL A 58 2.26 -12.45 7.60
CA VAL A 58 1.28 -11.73 8.40
C VAL A 58 0.36 -12.79 8.99
N MET A 59 0.26 -12.78 10.32
CA MET A 59 -0.54 -13.80 11.01
C MET A 59 -1.67 -13.14 11.75
N LEU A 60 -2.87 -13.76 11.70
CA LEU A 60 -3.99 -13.33 12.50
C LEU A 60 -3.67 -13.83 13.91
N VAL A 61 -3.74 -12.93 14.88
CA VAL A 61 -3.50 -13.24 16.30
C VAL A 61 -4.63 -12.64 17.13
N LYS A 62 -4.76 -13.11 18.37
CA LYS A 62 -5.71 -12.62 19.34
C LYS A 62 -4.89 -12.13 20.55
N HIS A 63 -5.10 -10.87 20.94
CA HIS A 63 -4.43 -10.27 22.10
C HIS A 63 -5.26 -10.73 23.32
N MET A 64 -4.70 -11.62 24.18
CA MET A 64 -5.48 -12.20 25.29
C MET A 64 -6.07 -11.20 26.27
N GLU A 65 -5.31 -10.15 26.60
CA GLU A 65 -5.78 -9.19 27.60
C GLU A 65 -7.04 -8.41 27.20
N THR A 66 -7.28 -8.25 25.89
CA THR A 66 -8.43 -7.52 25.36
C THR A 66 -9.41 -8.39 24.57
N GLY A 67 -8.96 -9.52 24.06
CA GLY A 67 -9.76 -10.35 23.15
C GLY A 67 -9.78 -9.76 21.75
N ASN A 68 -9.00 -8.67 21.50
CA ASN A 68 -8.98 -8.07 20.16
C ASN A 68 -8.16 -8.92 19.20
N HIS A 69 -8.58 -8.93 17.93
CA HIS A 69 -7.82 -9.61 16.88
C HIS A 69 -6.95 -8.57 16.20
N TYR A 70 -5.74 -8.97 15.80
CA TYR A 70 -4.80 -8.10 15.07
C TYR A 70 -4.10 -8.89 13.98
N ALA A 71 -3.46 -8.16 13.05
CA ALA A 71 -2.67 -8.75 11.98
C ALA A 71 -1.22 -8.49 12.36
N MET A 72 -0.49 -9.53 12.75
N MET A 72 -0.49 -9.56 12.72
CA MET A 72 0.89 -9.37 13.19
CA MET A 72 0.90 -9.49 13.18
C MET A 72 1.85 -9.72 12.06
C MET A 72 1.85 -9.74 12.01
N LYS A 73 2.60 -8.70 11.60
CA LYS A 73 3.59 -8.82 10.52
C LYS A 73 4.90 -9.27 11.21
N ILE A 74 5.42 -10.44 10.77
CA ILE A 74 6.62 -11.05 11.37
C ILE A 74 7.71 -11.10 10.32
N LEU A 75 8.86 -10.51 10.65
CA LEU A 75 10.01 -10.51 9.75
C LEU A 75 11.14 -11.23 10.44
N ASP A 76 11.88 -12.04 9.69
CA ASP A 76 13.01 -12.78 10.22
C ASP A 76 14.23 -11.86 10.03
N LYS A 77 14.85 -11.42 11.13
CA LYS A 77 15.99 -10.49 11.04
C LYS A 77 17.08 -10.91 10.07
N GLN A 78 17.47 -12.19 10.12
CA GLN A 78 18.54 -12.72 9.25
C GLN A 78 18.13 -12.63 7.79
N LYS A 79 16.85 -12.95 7.50
CA LYS A 79 16.36 -12.89 6.12
C LYS A 79 16.29 -11.44 5.60
N VAL A 80 15.88 -10.49 6.48
CA VAL A 80 15.87 -9.05 6.15
C VAL A 80 17.28 -8.61 5.78
N VAL A 81 18.28 -9.05 6.56
CA VAL A 81 19.69 -8.70 6.31
C VAL A 81 20.15 -9.22 4.93
N LYS A 82 19.83 -10.49 4.63
CA LYS A 82 20.22 -11.10 3.35
C LYS A 82 19.61 -10.36 2.15
N LEU A 83 18.37 -9.85 2.31
CA LEU A 83 17.65 -9.13 1.27
C LEU A 83 18.01 -7.65 1.18
N LYS A 84 18.97 -7.22 2.02
CA LYS A 84 19.43 -5.82 2.10
C LYS A 84 18.24 -4.89 2.41
N GLN A 85 17.32 -5.34 3.30
CA GLN A 85 16.13 -4.55 3.63
C GLN A 85 16.22 -3.97 5.07
N ILE A 86 17.43 -3.86 5.64
CA ILE A 86 17.52 -3.33 7.02
C ILE A 86 16.95 -1.91 7.08
N GLU A 87 17.53 -0.98 6.29
CA GLU A 87 17.08 0.41 6.35
C GLU A 87 15.59 0.51 5.98
N HIS A 88 15.15 -0.29 4.98
CA HIS A 88 13.73 -0.23 4.58
C HIS A 88 12.78 -0.71 5.69
N THR A 89 13.22 -1.70 6.48
CA THR A 89 12.42 -2.22 7.59
C THR A 89 12.36 -1.23 8.74
N LEU A 90 13.50 -0.60 9.02
CA LEU A 90 13.53 0.44 10.05
C LEU A 90 12.62 1.63 9.62
N ASN A 91 12.63 1.98 8.31
CA ASN A 91 11.74 3.04 7.77
C ASN A 91 10.29 2.63 8.04
N GLU A 92 9.91 1.39 7.62
CA GLU A 92 8.55 0.93 7.77
C GLU A 92 8.00 1.14 9.18
N LYS A 93 8.72 0.61 10.18
CA LYS A 93 8.27 0.69 11.57
C LYS A 93 8.29 2.14 12.09
N ARG A 94 9.36 2.88 11.82
CA ARG A 94 9.46 4.27 12.30
C ARG A 94 8.31 5.15 11.71
N ILE A 95 8.00 4.95 10.43
CA ILE A 95 6.93 5.71 9.77
C ILE A 95 5.57 5.27 10.30
N LEU A 96 5.30 3.93 10.32
CA LEU A 96 4.01 3.43 10.80
C LEU A 96 3.66 3.88 12.21
N GLN A 97 4.63 3.87 13.13
CA GLN A 97 4.33 4.31 14.51
C GLN A 97 4.06 5.84 14.60
N ALA A 98 4.43 6.60 13.55
CA ALA A 98 4.29 8.07 13.59
C ALA A 98 3.08 8.66 12.86
N VAL A 99 2.50 7.91 11.93
CA VAL A 99 1.41 8.40 11.10
C VAL A 99 0.06 8.24 11.74
N ASN A 100 -0.91 8.99 11.24
CA ASN A 100 -2.28 9.00 11.74
C ASN A 100 -3.16 9.57 10.64
N PHE A 101 -3.88 8.68 9.95
CA PHE A 101 -4.76 9.11 8.87
C PHE A 101 -5.84 8.04 8.70
N PRO A 102 -7.11 8.45 8.40
CA PRO A 102 -8.21 7.45 8.35
C PRO A 102 -7.98 6.26 7.43
N PHE A 103 -7.22 6.46 6.34
CA PHE A 103 -7.02 5.39 5.35
C PHE A 103 -5.67 4.72 5.46
N LEU A 104 -5.02 4.86 6.62
CA LEU A 104 -3.75 4.20 6.89
C LEU A 104 -3.97 3.17 8.00
N VAL A 105 -3.49 1.93 7.81
CA VAL A 105 -3.57 0.88 8.83
C VAL A 105 -2.89 1.39 10.10
N LYS A 106 -3.47 1.05 11.25
CA LYS A 106 -2.91 1.48 12.53
C LYS A 106 -1.89 0.46 13.03
N LEU A 107 -0.68 0.92 13.39
CA LEU A 107 0.33 0.07 14.04
C LEU A 107 -0.01 0.13 15.55
N GLU A 108 -0.52 -0.97 16.09
CA GLU A 108 -0.96 -1.05 17.49
C GLU A 108 0.21 -1.28 18.46
N PHE A 109 1.14 -2.19 18.11
CA PHE A 109 2.30 -2.49 18.95
C PHE A 109 3.46 -2.88 18.07
N SER A 110 4.68 -2.81 18.59
CA SER A 110 5.84 -3.37 17.89
C SER A 110 6.83 -3.84 18.91
N PHE A 111 7.62 -4.86 18.55
CA PHE A 111 8.65 -5.41 19.43
C PHE A 111 9.50 -6.36 18.62
N LYS A 112 10.55 -6.87 19.22
CA LYS A 112 11.44 -7.81 18.55
C LYS A 112 11.89 -8.82 19.58
N ASP A 113 12.41 -9.95 19.11
CA ASP A 113 13.02 -10.92 20.02
C ASP A 113 14.37 -11.34 19.43
N ASN A 114 14.95 -12.44 19.88
CA ASN A 114 16.25 -12.88 19.37
C ASN A 114 16.26 -13.06 17.85
N SER A 115 15.16 -13.56 17.28
CA SER A 115 15.11 -13.87 15.85
C SER A 115 14.32 -12.95 14.94
N ASN A 116 13.18 -12.44 15.43
CA ASN A 116 12.20 -11.74 14.62
C ASN A 116 11.90 -10.33 15.03
N LEU A 117 11.27 -9.59 14.09
CA LEU A 117 10.73 -8.26 14.27
C LEU A 117 9.20 -8.41 14.15
N TYR A 118 8.45 -7.72 15.00
CA TYR A 118 7.00 -7.85 14.98
C TYR A 118 6.33 -6.50 14.90
N MET A 119 5.36 -6.36 13.99
CA MET A 119 4.52 -5.17 13.88
C MET A 119 3.09 -5.65 13.95
N VAL A 120 2.42 -5.29 15.04
CA VAL A 120 1.05 -5.71 15.30
C VAL A 120 0.14 -4.62 14.78
N LEU A 121 -0.60 -4.95 13.73
CA LEU A 121 -1.45 -4.02 13.00
C LEU A 121 -2.92 -4.31 13.23
N GLU A 122 -3.74 -3.30 12.97
CA GLU A 122 -5.20 -3.39 12.93
C GLU A 122 -5.54 -4.53 11.92
N TYR A 123 -6.49 -5.41 12.28
CA TYR A 123 -6.92 -6.52 11.40
C TYR A 123 -8.14 -6.10 10.61
N LEU A 124 -8.10 -6.30 9.29
CA LEU A 124 -9.21 -5.95 8.40
C LEU A 124 -9.74 -7.28 7.82
N PRO A 125 -10.77 -7.90 8.44
CA PRO A 125 -11.27 -9.20 7.92
C PRO A 125 -11.87 -9.15 6.51
N GLY A 126 -12.15 -7.95 6.01
CA GLY A 126 -12.68 -7.72 4.65
C GLY A 126 -11.70 -8.19 3.57
N GLY A 127 -10.43 -8.29 3.92
CA GLY A 127 -9.39 -8.80 3.02
C GLY A 127 -8.87 -7.76 2.06
N GLU A 128 -8.01 -8.21 1.13
CA GLU A 128 -7.36 -7.32 0.17
C GLU A 128 -8.27 -6.93 -0.97
N MET A 129 -8.12 -5.65 -1.45
CA MET A 129 -8.85 -5.19 -2.64
C MET A 129 -8.57 -6.16 -3.79
N PHE A 130 -7.30 -6.63 -3.89
CA PHE A 130 -6.84 -7.56 -4.91
C PHE A 130 -7.79 -8.75 -5.10
N SER A 131 -8.16 -9.43 -3.99
N SER A 131 -8.15 -9.45 -4.00
CA SER A 131 -9.01 -10.61 -4.05
CA SER A 131 -9.02 -10.63 -4.08
C SER A 131 -10.38 -10.28 -4.66
C SER A 131 -10.39 -10.30 -4.65
N HIS A 132 -11.00 -9.19 -4.18
CA HIS A 132 -12.31 -8.76 -4.64
C HIS A 132 -12.27 -8.31 -6.10
N LEU A 133 -11.22 -7.56 -6.47
CA LEU A 133 -11.05 -7.05 -7.84
C LEU A 133 -10.91 -8.21 -8.86
N ARG A 134 -10.05 -9.20 -8.55
CA ARG A 134 -9.85 -10.35 -9.44
C ARG A 134 -11.11 -11.19 -9.57
N ARG A 135 -11.83 -11.42 -8.45
N ARG A 135 -11.82 -11.43 -8.45
CA ARG A 135 -13.04 -12.23 -8.42
CA ARG A 135 -13.04 -12.24 -8.51
C ARG A 135 -14.21 -11.58 -9.19
C ARG A 135 -14.15 -11.54 -9.29
N ILE A 136 -14.51 -10.31 -8.89
CA ILE A 136 -15.56 -9.51 -9.54
C ILE A 136 -15.18 -9.25 -11.01
N GLY A 137 -13.88 -9.08 -11.27
CA GLY A 137 -13.34 -8.85 -12.60
C GLY A 137 -12.89 -7.42 -12.74
N ARG A 138 -13.77 -6.46 -12.44
CA ARG A 138 -13.48 -5.03 -12.51
C ARG A 138 -14.49 -4.25 -11.68
N PHE A 139 -14.16 -2.99 -11.36
CA PHE A 139 -15.03 -2.09 -10.64
C PHE A 139 -15.56 -1.04 -11.62
N SEP A 140 -16.85 -0.70 -11.51
CA SEP A 140 -17.42 0.36 -12.33
CB SEP A 140 -18.94 0.43 -12.02
OG SEP A 140 -19.05 0.91 -10.66
C SEP A 140 -16.72 1.68 -11.96
O SEP A 140 -16.08 1.76 -10.91
P SEP A 140 -20.54 0.81 -10.15
O1P SEP A 140 -20.65 1.73 -8.92
O2P SEP A 140 -21.53 1.28 -11.24
O3P SEP A 140 -20.74 -0.66 -9.64
N GLU A 141 -16.79 2.69 -12.84
CA GLU A 141 -16.10 3.96 -12.57
C GLU A 141 -16.45 4.62 -11.23
N PRO A 142 -17.72 4.70 -10.77
CA PRO A 142 -17.98 5.31 -9.44
C PRO A 142 -17.34 4.52 -8.29
N HIS A 143 -17.27 3.17 -8.42
CA HIS A 143 -16.68 2.27 -7.42
C HIS A 143 -15.16 2.51 -7.38
N ALA A 144 -14.51 2.49 -8.56
CA ALA A 144 -13.08 2.80 -8.70
C ALA A 144 -12.75 4.22 -8.20
N ARG A 145 -13.63 5.20 -8.48
CA ARG A 145 -13.44 6.60 -8.05
C ARG A 145 -13.45 6.73 -6.53
N PHE A 146 -14.39 6.01 -5.87
CA PHE A 146 -14.51 6.01 -4.40
C PHE A 146 -13.18 5.57 -3.77
N TYR A 147 -12.58 4.49 -4.29
CA TYR A 147 -11.28 4.04 -3.76
C TYR A 147 -10.16 5.02 -4.13
N ALA A 148 -10.15 5.49 -5.39
CA ALA A 148 -9.14 6.44 -5.89
C ALA A 148 -9.08 7.72 -5.04
N ALA A 149 -10.26 8.25 -4.63
CA ALA A 149 -10.35 9.46 -3.82
C ALA A 149 -9.62 9.25 -2.49
N GLN A 150 -9.77 8.06 -1.88
CA GLN A 150 -9.08 7.72 -0.64
C GLN A 150 -7.58 7.71 -0.81
N ILE A 151 -7.10 7.15 -1.95
CA ILE A 151 -5.65 7.15 -2.24
C ILE A 151 -5.12 8.58 -2.47
N VAL A 152 -5.86 9.41 -3.23
CA VAL A 152 -5.48 10.81 -3.47
C VAL A 152 -5.26 11.52 -2.14
N LEU A 153 -6.24 11.39 -1.21
CA LEU A 153 -6.15 12.04 0.11
C LEU A 153 -4.99 11.48 0.95
N THR A 154 -4.79 10.16 0.89
CA THR A 154 -3.72 9.51 1.63
C THR A 154 -2.35 9.98 1.11
N PHE A 155 -2.20 10.12 -0.21
CA PHE A 155 -0.91 10.58 -0.75
C PHE A 155 -0.69 12.05 -0.46
N GLU A 156 -1.76 12.87 -0.49
CA GLU A 156 -1.61 14.28 -0.10
C GLU A 156 -1.07 14.35 1.36
N TYR A 157 -1.65 13.53 2.27
CA TYR A 157 -1.21 13.45 3.67
C TYR A 157 0.27 12.97 3.74
N LEU A 158 0.57 11.79 3.18
CA LEU A 158 1.94 11.24 3.23
C LEU A 158 2.99 12.18 2.62
N HIS A 159 2.72 12.69 1.43
CA HIS A 159 3.67 13.56 0.71
C HIS A 159 3.96 14.84 1.46
N SER A 160 2.96 15.35 2.22
CA SER A 160 3.13 16.59 3.00
C SER A 160 4.12 16.36 4.14
N LEU A 161 4.29 15.08 4.57
CA LEU A 161 5.22 14.66 5.63
C LEU A 161 6.58 14.26 5.03
N ASP A 162 6.76 14.51 3.71
CA ASP A 162 7.98 14.15 2.95
C ASP A 162 8.15 12.63 2.81
N LEU A 163 7.04 11.90 2.91
CA LEU A 163 7.04 10.46 2.77
C LEU A 163 6.65 10.05 1.37
N ILE A 164 7.46 9.16 0.77
N ILE A 164 7.46 9.18 0.75
CA ILE A 164 7.23 8.57 -0.55
CA ILE A 164 7.15 8.60 -0.56
C ILE A 164 6.76 7.12 -0.26
C ILE A 164 6.71 7.17 -0.23
N TYR A 165 5.65 6.69 -0.87
CA TYR A 165 5.06 5.38 -0.57
C TYR A 165 5.71 4.19 -1.31
N ARG A 166 5.79 4.28 -2.64
CA ARG A 166 6.54 3.32 -3.46
C ARG A 166 6.04 1.92 -3.66
N ASP A 167 4.87 1.54 -3.11
CA ASP A 167 4.39 0.19 -3.47
C ASP A 167 2.88 0.09 -3.56
N LEU A 168 2.28 1.12 -4.18
CA LEU A 168 0.82 1.09 -4.35
C LEU A 168 0.43 -0.03 -5.30
N LYS A 169 -0.56 -0.81 -4.86
CA LYS A 169 -1.14 -1.90 -5.65
C LYS A 169 -2.33 -2.46 -4.89
N PRO A 170 -3.25 -3.14 -5.59
CA PRO A 170 -4.43 -3.69 -4.89
C PRO A 170 -4.10 -4.71 -3.81
N GLU A 171 -2.95 -5.40 -3.94
CA GLU A 171 -2.50 -6.38 -2.95
C GLU A 171 -2.30 -5.67 -1.59
N ASN A 172 -1.93 -4.38 -1.61
CA ASN A 172 -1.61 -3.56 -0.45
C ASN A 172 -2.77 -2.70 0.09
N LEU A 173 -4.01 -3.00 -0.33
CA LEU A 173 -5.11 -2.13 0.11
C LEU A 173 -6.18 -3.00 0.70
N MET A 174 -6.43 -2.84 1.99
CA MET A 174 -7.41 -3.70 2.67
C MET A 174 -8.75 -3.01 2.65
N ILE A 175 -9.85 -3.79 2.70
CA ILE A 175 -11.19 -3.19 2.75
C ILE A 175 -11.72 -3.36 4.17
N ASP A 176 -12.03 -2.24 4.83
CA ASP A 176 -12.55 -2.31 6.20
C ASP A 176 -14.04 -2.67 6.27
N GLN A 177 -14.58 -2.78 7.51
CA GLN A 177 -15.97 -3.15 7.77
C GLN A 177 -16.99 -2.13 7.25
N GLN A 178 -16.52 -0.94 6.87
CA GLN A 178 -17.38 0.11 6.34
C GLN A 178 -17.21 0.27 4.82
N GLY A 179 -16.37 -0.59 4.23
CA GLY A 179 -16.10 -0.57 2.79
C GLY A 179 -15.04 0.43 2.36
N TYR A 180 -14.41 1.12 3.34
CA TYR A 180 -13.33 2.06 3.07
C TYR A 180 -11.99 1.29 3.00
N ILE A 181 -10.99 1.89 2.38
N ILE A 181 -10.97 1.94 2.42
CA ILE A 181 -9.72 1.20 2.25
CA ILE A 181 -9.64 1.38 2.21
C ILE A 181 -8.65 1.66 3.25
C ILE A 181 -8.69 1.68 3.37
N LYS A 182 -7.75 0.75 3.60
CA LYS A 182 -6.64 0.98 4.54
C LYS A 182 -5.37 0.60 3.81
N VAL A 183 -4.45 1.56 3.68
N VAL A 183 -4.44 1.54 3.70
CA VAL A 183 -3.16 1.36 3.02
CA VAL A 183 -3.12 1.25 3.08
C VAL A 183 -2.25 0.62 3.99
C VAL A 183 -2.34 0.54 4.19
N THR A 184 -1.92 -0.63 3.66
N THR A 184 -1.73 -0.61 3.87
CA THR A 184 -1.04 -1.47 4.48
CA THR A 184 -1.06 -1.40 4.92
C THR A 184 0.30 -1.67 3.77
C THR A 184 0.44 -1.52 4.86
N ASP A 185 1.29 -2.28 4.44
N ASP A 185 0.96 -1.85 3.67
CA ASP A 185 2.62 -2.52 3.89
CA ASP A 185 2.38 -2.17 3.50
C ASP A 185 3.39 -1.22 3.55
C ASP A 185 3.34 -0.98 3.46
N PHE A 186 4.20 -0.78 4.50
CA PHE A 186 5.09 0.38 4.41
C PHE A 186 6.55 -0.06 4.23
N GLY A 187 6.74 -1.27 3.67
CA GLY A 187 8.05 -1.88 3.46
C GLY A 187 9.01 -1.08 2.59
N PHE A 188 8.50 -0.21 1.69
CA PHE A 188 9.36 0.62 0.84
C PHE A 188 9.12 2.13 1.05
N ALA A 189 8.32 2.50 2.05
CA ALA A 189 8.06 3.91 2.34
C ALA A 189 9.32 4.57 2.90
N LYS A 190 9.50 5.85 2.58
CA LYS A 190 10.75 6.50 3.03
C LYS A 190 10.52 7.96 3.22
N ARG A 191 11.14 8.53 4.27
CA ARG A 191 11.03 9.97 4.50
C ARG A 191 12.25 10.63 3.78
N VAL A 192 11.97 11.34 2.68
CA VAL A 192 13.03 11.95 1.85
C VAL A 192 12.60 13.30 1.30
N LYS A 193 13.43 14.32 1.52
CA LYS A 193 13.12 15.65 1.00
C LYS A 193 13.63 15.81 -0.43
N GLY A 194 14.82 15.31 -0.71
CA GLY A 194 15.36 15.40 -2.06
C GLY A 194 14.90 14.27 -2.96
N ARG A 195 15.73 13.94 -3.92
CA ARG A 195 15.43 12.84 -4.83
C ARG A 195 15.94 11.54 -4.17
N THR A 196 15.50 10.39 -4.69
CA THR A 196 15.99 9.12 -4.17
C THR A 196 16.24 8.19 -5.36
N TRP A 197 17.00 7.10 -5.13
CA TRP A 197 17.43 6.28 -6.25
C TRP A 197 17.14 4.78 -6.17
N TPO A 198 16.65 4.27 -5.06
CA TPO A 198 16.48 2.82 -4.96
CB TPO A 198 15.99 2.47 -3.53
CG2 TPO A 198 16.00 0.91 -3.35
OG1 TPO A 198 16.92 3.02 -2.58
P TPO A 198 16.24 4.04 -1.57
O1P TPO A 198 15.21 3.34 -0.64
O2P TPO A 198 15.49 5.11 -2.38
O3P TPO A 198 17.45 4.72 -0.84
C TPO A 198 15.54 2.19 -5.97
O TPO A 198 14.43 2.67 -6.17
N LEU A 199 15.99 1.11 -6.60
CA LEU A 199 15.13 0.37 -7.52
C LEU A 199 14.26 -0.53 -6.65
N CYS A 200 12.99 -0.14 -6.47
CA CYS A 200 12.04 -0.87 -5.65
C CYS A 200 10.63 -0.61 -6.14
N GLY A 201 9.72 -1.50 -5.78
CA GLY A 201 8.32 -1.41 -6.17
C GLY A 201 7.89 -2.71 -6.81
N THR A 202 6.77 -2.70 -7.55
CA THR A 202 6.21 -3.86 -8.24
C THR A 202 6.19 -3.59 -9.76
N PRO A 203 6.65 -4.55 -10.60
CA PRO A 203 6.86 -4.26 -12.03
C PRO A 203 5.80 -3.45 -12.74
N GLU A 204 4.53 -3.90 -12.64
CA GLU A 204 3.36 -3.24 -13.28
C GLU A 204 3.15 -1.77 -12.88
N TYR A 205 3.61 -1.40 -11.67
CA TYR A 205 3.40 -0.09 -11.06
C TYR A 205 4.60 0.85 -11.14
N LEU A 206 5.73 0.38 -11.66
CA LEU A 206 6.94 1.21 -11.72
C LEU A 206 6.83 2.35 -12.72
N ALA A 207 7.10 3.58 -12.26
CA ALA A 207 7.17 4.77 -13.13
C ALA A 207 8.40 4.65 -14.07
N PRO A 208 8.36 5.24 -15.29
CA PRO A 208 9.52 5.13 -16.22
C PRO A 208 10.84 5.58 -15.60
N GLU A 209 10.81 6.66 -14.81
CA GLU A 209 12.04 7.17 -14.19
C GLU A 209 12.72 6.18 -13.23
N ILE A 210 11.95 5.25 -12.63
CA ILE A 210 12.56 4.22 -11.77
C ILE A 210 13.26 3.18 -12.69
N ILE A 211 12.53 2.70 -13.72
CA ILE A 211 13.07 1.69 -14.64
C ILE A 211 14.38 2.19 -15.28
N LEU A 212 14.42 3.48 -15.60
CA LEU A 212 15.54 4.15 -16.28
C LEU A 212 16.69 4.62 -15.32
N SER A 213 16.65 4.14 -14.05
CA SER A 213 17.66 4.42 -13.02
C SER A 213 17.94 5.90 -12.84
N LYS A 214 16.86 6.69 -12.83
CA LYS A 214 17.02 8.13 -12.62
C LYS A 214 16.74 8.42 -11.15
N GLY A 215 17.18 9.59 -10.69
CA GLY A 215 16.81 10.07 -9.38
C GLY A 215 15.34 10.42 -9.49
N TYR A 216 14.52 9.97 -8.56
CA TYR A 216 13.10 10.23 -8.67
C TYR A 216 12.52 10.82 -7.38
N ASN A 217 11.26 11.24 -7.45
CA ASN A 217 10.64 11.85 -6.29
C ASN A 217 9.19 11.33 -6.10
N LYS A 218 8.37 12.03 -5.32
CA LYS A 218 6.97 11.64 -5.03
C LYS A 218 6.08 11.45 -6.28
N ALA A 219 6.49 12.00 -7.44
CA ALA A 219 5.71 11.82 -8.68
C ALA A 219 5.55 10.33 -9.07
N VAL A 220 6.43 9.44 -8.56
CA VAL A 220 6.29 8.00 -8.87
C VAL A 220 4.99 7.43 -8.25
N ASP A 221 4.57 7.97 -7.07
CA ASP A 221 3.35 7.55 -6.42
C ASP A 221 2.14 7.98 -7.27
N TRP A 222 2.20 9.19 -7.89
CA TRP A 222 1.11 9.67 -8.76
C TRP A 222 0.99 8.83 -10.04
N TRP A 223 2.13 8.42 -10.62
CA TRP A 223 2.12 7.48 -11.75
C TRP A 223 1.42 6.18 -11.26
N ALA A 224 1.85 5.66 -10.08
CA ALA A 224 1.30 4.41 -9.53
C ALA A 224 -0.21 4.52 -9.32
N LEU A 225 -0.69 5.72 -8.92
CA LEU A 225 -2.14 5.97 -8.81
C LEU A 225 -2.83 5.77 -10.17
N GLY A 226 -2.22 6.26 -11.26
CA GLY A 226 -2.74 6.07 -12.62
C GLY A 226 -2.87 4.59 -12.94
N VAL A 227 -1.83 3.79 -12.59
CA VAL A 227 -1.84 2.33 -12.83
C VAL A 227 -2.99 1.71 -12.02
N LEU A 228 -3.12 2.08 -10.72
CA LEU A 228 -4.19 1.52 -9.87
C LEU A 228 -5.58 1.86 -10.42
N ILE A 229 -5.83 3.14 -10.79
CA ILE A 229 -7.15 3.52 -11.32
C ILE A 229 -7.46 2.71 -12.58
N TYR A 230 -6.48 2.62 -13.49
CA TYR A 230 -6.65 1.82 -14.72
C TYR A 230 -6.99 0.38 -14.34
N GLU A 231 -6.19 -0.26 -13.46
CA GLU A 231 -6.46 -1.65 -13.09
C GLU A 231 -7.84 -1.84 -12.46
N MET A 232 -8.22 -0.95 -11.55
CA MET A 232 -9.53 -1.07 -10.91
C MET A 232 -10.66 -0.98 -11.94
N ALA A 233 -10.56 -0.03 -12.88
CA ALA A 233 -11.62 0.20 -13.87
C ALA A 233 -11.61 -0.78 -15.05
N ALA A 234 -10.44 -1.30 -15.43
CA ALA A 234 -10.33 -2.22 -16.56
C ALA A 234 -10.41 -3.68 -16.14
N GLY A 235 -9.89 -3.99 -14.96
CA GLY A 235 -9.80 -5.35 -14.45
C GLY A 235 -8.44 -5.98 -14.75
N TYR A 236 -7.60 -5.25 -15.51
CA TYR A 236 -6.22 -5.64 -15.82
C TYR A 236 -5.36 -4.37 -15.86
N PRO A 237 -4.04 -4.48 -15.62
CA PRO A 237 -3.22 -3.25 -15.59
C PRO A 237 -2.91 -2.72 -16.99
N PRO A 238 -2.45 -1.44 -17.10
CA PRO A 238 -2.18 -0.84 -18.42
C PRO A 238 -0.99 -1.47 -19.13
N PHE A 239 -0.04 -2.01 -18.33
CA PHE A 239 1.18 -2.64 -18.85
C PHE A 239 1.34 -4.02 -18.23
N PHE A 240 1.12 -5.06 -19.02
CA PHE A 240 1.29 -6.40 -18.48
C PHE A 240 1.90 -7.31 -19.53
N ALA A 241 2.58 -8.35 -19.07
CA ALA A 241 3.26 -9.33 -19.93
C ALA A 241 3.63 -10.50 -19.03
N ASP A 242 4.17 -11.58 -19.57
CA ASP A 242 4.55 -12.74 -18.75
C ASP A 242 5.78 -12.49 -17.90
N GLN A 243 6.69 -11.62 -18.37
CA GLN A 243 7.94 -11.33 -17.66
C GLN A 243 8.14 -9.85 -17.35
N PRO A 244 8.76 -9.51 -16.20
CA PRO A 244 8.98 -8.08 -15.88
C PRO A 244 9.67 -7.27 -16.98
N ILE A 245 10.72 -7.81 -17.64
CA ILE A 245 11.41 -7.07 -18.71
C ILE A 245 10.45 -6.56 -19.81
N GLN A 246 9.50 -7.41 -20.23
CA GLN A 246 8.52 -7.06 -21.26
C GLN A 246 7.57 -5.96 -20.73
N ILE A 247 7.28 -5.97 -19.41
CA ILE A 247 6.43 -4.95 -18.76
C ILE A 247 7.17 -3.60 -18.81
N TYR A 248 8.46 -3.61 -18.46
CA TYR A 248 9.29 -2.39 -18.48
C TYR A 248 9.38 -1.79 -19.88
N GLU A 249 9.52 -2.63 -20.93
CA GLU A 249 9.56 -2.14 -22.32
C GLU A 249 8.25 -1.39 -22.62
N LYS A 250 7.10 -1.96 -22.18
CA LYS A 250 5.81 -1.31 -22.41
C LYS A 250 5.69 0.02 -21.69
N ILE A 251 6.13 0.07 -20.42
CA ILE A 251 6.08 1.28 -19.60
C ILE A 251 6.89 2.41 -20.22
N VAL A 252 8.12 2.12 -20.63
CA VAL A 252 9.01 3.16 -21.19
C VAL A 252 8.64 3.58 -22.63
N SER A 253 7.84 2.77 -23.34
CA SER A 253 7.46 3.02 -24.75
C SER A 253 6.73 4.35 -24.99
N GLY A 254 6.10 4.90 -23.95
CA GLY A 254 5.34 6.14 -24.04
C GLY A 254 3.94 5.94 -24.60
N LYS A 255 3.51 4.66 -24.78
CA LYS A 255 2.19 4.26 -25.32
C LYS A 255 1.34 3.56 -24.26
N VAL A 256 0.01 3.81 -24.26
CA VAL A 256 -1.04 3.26 -23.36
C VAL A 256 -2.34 3.08 -24.18
N ARG A 257 -3.06 1.94 -24.03
CA ARG A 257 -4.35 1.71 -24.71
C ARG A 257 -5.44 1.58 -23.67
N PHE A 258 -6.61 2.21 -23.90
CA PHE A 258 -7.72 2.16 -22.94
C PHE A 258 -8.89 1.29 -23.42
N PRO A 259 -9.55 0.53 -22.51
CA PRO A 259 -10.75 -0.21 -22.92
C PRO A 259 -11.80 0.76 -23.48
N SER A 260 -12.60 0.32 -24.46
CA SER A 260 -13.62 1.15 -25.12
C SER A 260 -14.68 1.66 -24.12
N HIS A 261 -14.90 0.93 -23.01
CA HIS A 261 -15.87 1.31 -21.98
C HIS A 261 -15.39 2.45 -21.03
N PHE A 262 -14.10 2.87 -21.12
CA PHE A 262 -13.59 3.97 -20.27
C PHE A 262 -14.22 5.28 -20.74
N SER A 263 -14.72 6.09 -19.78
CA SER A 263 -15.32 7.39 -20.06
C SER A 263 -14.23 8.35 -20.57
N SER A 264 -14.63 9.41 -21.33
CA SER A 264 -13.66 10.40 -21.83
C SER A 264 -12.87 11.02 -20.66
N ASP A 265 -13.57 11.38 -19.56
CA ASP A 265 -12.94 11.97 -18.37
C ASP A 265 -11.91 11.05 -17.76
N LEU A 266 -12.20 9.75 -17.66
CA LEU A 266 -11.26 8.79 -17.09
C LEU A 266 -10.00 8.70 -17.94
N LYS A 267 -10.16 8.60 -19.28
CA LYS A 267 -9.00 8.49 -20.17
C LYS A 267 -8.10 9.73 -20.06
N ASP A 268 -8.72 10.93 -19.97
CA ASP A 268 -7.99 12.20 -19.84
C ASP A 268 -7.21 12.21 -18.53
N LEU A 269 -7.85 11.84 -17.41
CA LEU A 269 -7.15 11.78 -16.12
C LEU A 269 -5.95 10.81 -16.24
N LEU A 270 -6.19 9.59 -16.77
CA LEU A 270 -5.13 8.59 -16.88
C LEU A 270 -3.96 9.01 -17.80
N ARG A 271 -4.24 9.76 -18.87
CA ARG A 271 -3.19 10.29 -19.74
C ARG A 271 -2.29 11.28 -18.98
N ASN A 272 -2.88 12.01 -18.02
CA ASN A 272 -2.15 12.98 -17.19
C ASN A 272 -1.37 12.33 -16.04
N LEU A 273 -1.84 11.19 -15.54
CA LEU A 273 -1.15 10.44 -14.47
C LEU A 273 -0.07 9.53 -15.06
N LEU A 274 -0.42 8.79 -16.13
CA LEU A 274 0.50 7.88 -16.81
C LEU A 274 1.32 8.66 -17.84
N GLN A 275 1.83 9.81 -17.40
CA GLN A 275 2.57 10.77 -18.19
C GLN A 275 4.06 10.55 -17.96
N VAL A 276 4.77 10.15 -19.03
CA VAL A 276 6.22 9.90 -18.98
C VAL A 276 6.97 11.23 -18.68
N ASP A 277 6.44 12.36 -19.16
CA ASP A 277 7.06 13.68 -18.98
C ASP A 277 6.72 14.25 -17.60
N LEU A 278 7.73 14.36 -16.73
CA LEU A 278 7.58 14.89 -15.36
C LEU A 278 7.09 16.33 -15.25
N THR A 279 7.32 17.16 -16.29
CA THR A 279 6.87 18.55 -16.31
C THR A 279 5.36 18.60 -16.62
N LYS A 280 4.77 17.45 -17.01
CA LYS A 280 3.36 17.38 -17.39
C LYS A 280 2.55 16.40 -16.54
N ARG A 281 3.22 15.57 -15.70
CA ARG A 281 2.51 14.59 -14.86
C ARG A 281 1.72 15.25 -13.74
N PHE A 282 0.40 14.97 -13.68
CA PHE A 282 -0.49 15.45 -12.62
C PHE A 282 0.02 14.93 -11.28
N GLY A 283 -0.05 15.79 -10.27
CA GLY A 283 0.48 15.54 -8.94
C GLY A 283 1.84 16.21 -8.83
N ASN A 284 2.54 16.39 -9.99
CA ASN A 284 3.89 16.96 -10.08
C ASN A 284 4.02 18.40 -10.61
N LEU A 285 2.89 19.10 -10.79
CA LEU A 285 2.92 20.46 -11.32
C LEU A 285 2.82 21.51 -10.20
N LYS A 286 2.83 22.82 -10.56
CA LYS A 286 2.74 23.93 -9.60
C LYS A 286 1.50 23.82 -8.69
N ASN A 287 0.35 23.38 -9.25
CA ASN A 287 -0.92 23.22 -8.55
C ASN A 287 -0.99 21.93 -7.66
N GLY A 288 0.07 21.12 -7.71
CA GLY A 288 0.18 19.89 -6.94
C GLY A 288 -1.00 18.93 -7.10
N VAL A 289 -1.51 18.44 -5.97
CA VAL A 289 -2.62 17.47 -5.89
C VAL A 289 -3.95 18.09 -6.40
N ASN A 290 -4.07 19.43 -6.37
CA ASN A 290 -5.29 20.10 -6.83
C ASN A 290 -5.61 19.86 -8.29
N ASP A 291 -4.58 19.58 -9.13
CA ASP A 291 -4.81 19.23 -10.55
C ASP A 291 -5.60 17.92 -10.61
N ILE A 292 -5.37 17.01 -9.66
CA ILE A 292 -6.07 15.72 -9.60
C ILE A 292 -7.45 15.92 -8.99
N LYS A 293 -7.52 16.56 -7.80
CA LYS A 293 -8.80 16.76 -7.10
C LYS A 293 -9.83 17.53 -7.91
N ASN A 294 -9.37 18.49 -8.73
CA ASN A 294 -10.25 19.35 -9.54
C ASN A 294 -10.51 18.83 -10.95
N HIS A 295 -10.01 17.60 -11.27
CA HIS A 295 -10.24 17.02 -12.58
C HIS A 295 -11.73 16.67 -12.75
N LYS A 296 -12.24 16.75 -14.00
CA LYS A 296 -13.62 16.42 -14.38
C LYS A 296 -14.06 15.05 -13.84
N TRP A 297 -13.18 14.05 -13.89
CA TRP A 297 -13.49 12.71 -13.38
C TRP A 297 -13.85 12.68 -11.90
N PHE A 298 -13.36 13.64 -11.10
CA PHE A 298 -13.67 13.73 -9.67
C PHE A 298 -14.73 14.82 -9.34
N ALA A 299 -15.43 15.35 -10.35
CA ALA A 299 -16.42 16.42 -10.16
C ALA A 299 -17.51 16.08 -9.12
N THR A 300 -17.90 14.80 -9.04
CA THR A 300 -18.92 14.32 -8.09
C THR A 300 -18.31 14.00 -6.72
N THR A 301 -16.97 14.00 -6.60
CA THR A 301 -16.33 13.67 -5.33
C THR A 301 -16.34 14.80 -4.34
N ASP A 302 -16.95 14.53 -3.18
CA ASP A 302 -16.98 15.45 -2.07
C ASP A 302 -15.81 15.02 -1.17
N TRP A 303 -14.66 15.67 -1.37
CA TRP A 303 -13.40 15.34 -0.68
C TRP A 303 -13.51 15.30 0.82
N ILE A 304 -14.27 16.26 1.39
CA ILE A 304 -14.50 16.33 2.84
C ILE A 304 -15.33 15.12 3.31
N ALA A 305 -16.43 14.81 2.60
CA ALA A 305 -17.32 13.68 2.91
C ALA A 305 -16.56 12.34 2.88
N ILE A 306 -15.62 12.18 1.91
CA ILE A 306 -14.76 11.00 1.81
C ILE A 306 -13.86 10.92 3.06
N TYR A 307 -13.13 12.01 3.36
CA TYR A 307 -12.25 12.06 4.54
C TYR A 307 -13.03 11.74 5.84
N GLN A 308 -14.22 12.34 5.99
CA GLN A 308 -15.08 12.15 7.18
C GLN A 308 -15.81 10.81 7.15
N ARG A 309 -15.60 10.01 6.08
CA ARG A 309 -16.21 8.69 5.90
C ARG A 309 -17.76 8.76 5.93
N LYS A 310 -18.34 9.83 5.34
CA LYS A 310 -19.78 10.05 5.28
C LYS A 310 -20.41 9.49 4.01
N VAL A 311 -19.58 9.12 3.02
CA VAL A 311 -20.04 8.58 1.74
C VAL A 311 -20.38 7.10 1.91
N GLU A 312 -21.54 6.68 1.37
CA GLU A 312 -21.95 5.27 1.43
C GLU A 312 -21.01 4.46 0.51
N ALA A 313 -20.37 3.42 1.04
CA ALA A 313 -19.45 2.63 0.25
C ALA A 313 -20.15 1.78 -0.83
N PRO A 314 -19.53 1.60 -2.02
CA PRO A 314 -20.18 0.80 -3.08
C PRO A 314 -20.26 -0.69 -2.75
N PHE A 315 -19.40 -1.18 -1.85
CA PHE A 315 -19.29 -2.59 -1.51
C PHE A 315 -18.90 -2.76 -0.03
N ILE A 316 -19.62 -3.59 0.71
CA ILE A 316 -19.30 -3.90 2.11
C ILE A 316 -18.91 -5.39 2.15
N PRO A 317 -17.67 -5.75 2.55
CA PRO A 317 -17.32 -7.19 2.62
C PRO A 317 -18.24 -7.93 3.59
N LYS A 318 -18.56 -9.19 3.28
CA LYS A 318 -19.40 -10.04 4.15
C LYS A 318 -18.72 -10.17 5.53
N PHE A 319 -19.44 -9.79 6.61
CA PHE A 319 -18.91 -9.88 7.96
C PHE A 319 -19.32 -11.21 8.59
N LYS A 320 -18.33 -12.03 8.92
CA LYS A 320 -18.53 -13.37 9.47
C LYS A 320 -17.85 -13.55 10.84
N GLY A 321 -17.53 -12.43 11.49
CA GLY A 321 -16.87 -12.42 12.78
C GLY A 321 -15.59 -11.60 12.80
N PRO A 322 -15.14 -11.16 14.00
CA PRO A 322 -13.91 -10.35 14.08
C PRO A 322 -12.63 -11.12 13.76
N GLY A 323 -12.72 -12.46 13.79
CA GLY A 323 -11.58 -13.34 13.53
C GLY A 323 -11.78 -14.28 12.36
N ASP A 324 -12.83 -14.05 11.53
CA ASP A 324 -13.10 -14.88 10.35
C ASP A 324 -12.01 -14.59 9.30
N THR A 325 -11.55 -15.63 8.57
CA THR A 325 -10.50 -15.42 7.55
C THR A 325 -10.95 -15.82 6.13
N SER A 326 -12.28 -16.03 5.92
CA SER A 326 -12.81 -16.46 4.61
C SER A 326 -12.53 -15.53 3.44
N ASN A 327 -12.21 -14.25 3.71
CA ASN A 327 -11.83 -13.28 2.68
C ASN A 327 -10.34 -13.37 2.33
N PHE A 328 -9.58 -14.30 2.97
CA PHE A 328 -8.15 -14.51 2.70
C PHE A 328 -7.91 -15.91 2.12
N ASP A 329 -6.84 -16.05 1.32
CA ASP A 329 -6.39 -17.35 0.79
C ASP A 329 -5.73 -18.12 1.95
N ASP A 330 -5.58 -19.43 1.81
CA ASP A 330 -4.92 -20.25 2.82
C ASP A 330 -3.45 -20.36 2.46
N TYR A 331 -2.59 -20.38 3.47
CA TYR A 331 -1.14 -20.46 3.31
C TYR A 331 -0.64 -21.60 4.18
N GLU A 332 0.49 -22.23 3.80
CA GLU A 332 1.10 -23.30 4.59
C GLU A 332 1.51 -22.69 5.95
N GLU A 333 1.11 -23.32 7.06
CA GLU A 333 1.43 -22.81 8.40
C GLU A 333 2.82 -23.27 8.82
N GLU A 334 3.67 -22.32 9.19
CA GLU A 334 5.03 -22.57 9.63
C GLU A 334 5.23 -22.14 11.08
N GLU A 335 6.18 -22.79 11.77
CA GLU A 335 6.50 -22.44 13.16
C GLU A 335 7.09 -21.01 13.24
N ILE A 336 6.92 -20.37 14.40
CA ILE A 336 7.54 -19.07 14.69
C ILE A 336 8.69 -19.46 15.63
N ARG A 337 9.89 -19.57 15.08
CA ARG A 337 11.03 -20.00 15.88
C ARG A 337 11.81 -18.82 16.47
N VAL A 338 12.14 -18.93 17.76
CA VAL A 338 12.89 -17.90 18.48
C VAL A 338 14.19 -18.54 18.94
N SEP A 339 15.31 -18.13 18.35
CA SEP A 339 16.60 -18.70 18.74
CB SEP A 339 17.65 -18.11 17.80
OG SEP A 339 18.97 -18.51 18.23
C SEP A 339 16.96 -18.34 20.19
O SEP A 339 16.47 -17.35 20.72
P SEP A 339 19.45 -19.89 17.67
O1P SEP A 339 18.93 -20.97 18.58
O2P SEP A 339 18.99 -20.21 16.26
O3P SEP A 339 20.97 -19.85 17.70
N ILE A 340 17.83 -19.13 20.81
CA ILE A 340 18.30 -18.86 22.17
C ILE A 340 19.39 -17.76 22.15
N ASN A 341 19.85 -17.39 20.93
CA ASN A 341 20.88 -16.38 20.73
C ASN A 341 20.33 -15.22 19.93
N GLU A 342 20.67 -13.98 20.35
CA GLU A 342 20.23 -12.77 19.64
C GLU A 342 20.92 -12.67 18.29
N LYS A 343 20.12 -12.42 17.26
CA LYS A 343 20.62 -12.27 15.90
C LYS A 343 20.50 -10.82 15.50
N CYS A 344 21.53 -10.32 14.78
CA CYS A 344 21.51 -8.97 14.20
C CYS A 344 21.12 -7.86 15.19
N GLY A 345 21.61 -7.95 16.42
CA GLY A 345 21.30 -6.97 17.46
C GLY A 345 21.60 -5.53 17.07
N LYS A 346 22.82 -5.28 16.56
CA LYS A 346 23.21 -3.92 16.19
C LYS A 346 22.38 -3.38 15.02
N GLU A 347 22.14 -4.21 14.00
CA GLU A 347 21.42 -3.77 12.80
C GLU A 347 20.01 -3.23 13.14
N PHE A 348 19.32 -3.89 14.07
CA PHE A 348 17.94 -3.54 14.42
C PHE A 348 17.80 -2.88 15.79
N SER A 349 18.90 -2.33 16.30
CA SER A 349 18.93 -1.69 17.64
C SER A 349 17.77 -0.70 17.85
N GLU A 350 17.48 0.15 16.83
CA GLU A 350 16.41 1.15 16.98
C GLU A 350 14.98 0.61 16.86
N PHE A 351 14.80 -0.63 16.39
CA PHE A 351 13.46 -1.18 16.17
C PHE A 351 12.75 -1.30 17.51
N THR B 1 -9.17 -10.88 -26.93
CA THR B 1 -9.47 -9.66 -26.17
C THR B 1 -8.34 -9.38 -25.18
N THR B 2 -8.22 -8.13 -24.71
CA THR B 2 -7.18 -7.82 -23.71
C THR B 2 -7.42 -8.60 -22.42
N TYR B 3 -8.71 -8.74 -22.02
CA TYR B 3 -9.07 -9.54 -20.83
C TYR B 3 -8.55 -11.00 -20.99
N ALA B 4 -8.86 -11.65 -22.13
CA ALA B 4 -8.43 -13.05 -22.38
C ALA B 4 -6.90 -13.15 -22.29
N ASP B 5 -6.19 -12.16 -22.84
CA ASP B 5 -4.74 -12.15 -22.80
C ASP B 5 -4.23 -12.01 -21.36
N PHE B 6 -4.89 -11.16 -20.56
CA PHE B 6 -4.48 -11.01 -19.16
C PHE B 6 -4.71 -12.31 -18.39
N ILE B 7 -5.89 -12.90 -18.55
CA ILE B 7 -6.29 -14.11 -17.82
C ILE B 7 -5.40 -15.31 -18.15
N ALA B 8 -4.92 -15.39 -19.40
CA ALA B 8 -4.01 -16.46 -19.81
C ALA B 8 -2.56 -16.18 -19.39
N SER B 9 -2.27 -14.95 -18.89
CA SER B 9 -0.91 -14.56 -18.52
C SER B 9 -0.48 -15.17 -17.17
N GLY B 10 0.82 -15.18 -16.91
CA GLY B 10 1.34 -15.70 -15.66
C GLY B 10 1.31 -14.69 -14.52
N ARG B 11 0.69 -13.52 -14.74
CA ARG B 11 0.69 -12.44 -13.75
C ARG B 11 -0.67 -11.98 -13.23
N THR B 12 -1.59 -12.94 -13.04
CA THR B 12 -2.95 -12.62 -12.52
C THR B 12 -3.05 -12.83 -10.99
N GLY B 13 -2.05 -13.53 -10.41
CA GLY B 13 -2.00 -13.77 -8.98
C GLY B 13 -1.32 -12.61 -8.28
N ARG B 14 -1.10 -12.72 -6.95
CA ARG B 14 -0.46 -11.65 -6.19
C ARG B 14 0.94 -11.38 -6.73
N ARG B 15 1.26 -10.11 -6.93
CA ARG B 15 2.54 -9.75 -7.50
C ARG B 15 3.55 -9.33 -6.46
N ASN B 16 4.74 -9.88 -6.57
CA ASN B 16 5.81 -9.64 -5.59
C ASN B 16 6.54 -8.34 -5.90
N ALA B 17 7.05 -7.68 -4.83
CA ALA B 17 7.93 -6.52 -5.03
C ALA B 17 9.24 -7.06 -5.62
N ILE B 18 9.96 -6.19 -6.35
CA ILE B 18 11.22 -6.57 -6.98
C ILE B 18 12.41 -6.66 -6.03
N HIS B 19 13.44 -7.46 -6.42
CA HIS B 19 14.69 -7.61 -5.67
C HIS B 19 15.87 -7.54 -6.64
N ASP B 20 16.99 -6.97 -6.18
CA ASP B 20 18.22 -6.78 -6.96
C ASP B 20 19.38 -7.66 -6.47
BR Z21 C . 3.19 -6.95 3.09
C Z21 C . 1.71 -6.67 4.25
C1 Z21 C . 0.56 -7.40 4.03
C2 Z21 C . -0.43 -7.11 4.97
N2 Z21 C . -1.71 -7.62 5.14
C6 Z21 C . -2.34 -8.62 4.24
C7 Z21 C . -2.01 -10.02 4.67
C5 Z21 C . -2.23 -6.96 6.24
N1 Z21 C . -1.41 -6.09 6.77
C3 Z21 C . -0.26 -6.17 5.99
C4 Z21 C . 0.99 -5.48 6.09
N Z21 C . 1.95 -5.74 5.21
C8 Z21 C . -3.51 -7.28 6.86
C9 Z21 C . -4.18 -6.46 7.83
N5 Z21 C . -3.75 -5.30 8.34
N4 Z21 C . -5.31 -7.03 8.18
O Z21 C . -5.37 -8.19 7.45
N3 Z21 C . -4.24 -8.34 6.62
C1 MPD D . -8.28 18.54 4.63
C2 MPD D . -8.74 17.08 4.77
O2 MPD D . -9.92 16.94 3.94
CM MPD D . -9.14 16.80 6.19
C3 MPD D . -7.69 15.96 4.34
C4 MPD D . -6.38 16.32 3.55
O4 MPD D . -5.61 15.16 3.25
C5 MPD D . -6.73 17.05 2.27
#